data_6D2K
#
_entry.id   6D2K
#
_cell.length_a   39.418
_cell.length_b   72.762
_cell.length_c   94.226
_cell.angle_alpha   90.00
_cell.angle_beta   90.00
_cell.angle_gamma   90.00
#
_symmetry.space_group_name_H-M   'P 21 21 21'
#
loop_
_entity.id
_entity.type
_entity.pdbx_description
1 polymer 'FERM, ARHGEF and pleckstrin domain-containing protein 2'
2 water water
#
_entity_poly.entity_id   1
_entity_poly.type   'polypeptide(L)'
_entity_poly.pdbx_seq_one_letter_code
;SRMQEKHMRIRVKLLDSTVELFDIEPKCDGQVLLTQVWKHLNLIECDYFGLEFKNVQSYWIWLEPMKPIIRQVRKPKNAV
LRLAVKFFPPDPGQLQEEYTRYLFALQLKRDLLEERLTCTANTAALLISHLLQSEIGDYDETLDREHLKANEYLPNQEKS
LEKILDFHQRHTGQTPAESDFQVLEIARKLEMYGIRFHMASDREGTKINLAVSHMGVLVFQGTTKINTFNWSKVRKLSFK
RKRFLIKLHPEVHGPYQDTLEFLLGSRDECKNFWKICVEYHTFFRLSD
;
_entity_poly.pdbx_strand_id   A
#
# COMPACT_ATOMS: atom_id res chain seq x y z
N SER A 1 11.26 10.16 39.89
CA SER A 1 9.94 10.65 39.53
C SER A 1 9.87 11.13 38.08
N ARG A 2 8.68 11.04 37.50
CA ARG A 2 8.44 11.37 36.11
C ARG A 2 7.48 12.55 36.00
N MET A 3 7.76 13.49 35.11
CA MET A 3 6.79 14.55 34.81
C MET A 3 6.06 14.27 33.50
N GLN A 4 6.25 13.08 32.94
CA GLN A 4 5.44 12.64 31.81
C GLN A 4 4.68 11.38 32.18
N GLU A 5 3.63 11.09 31.43
CA GLU A 5 2.93 9.82 31.59
C GLU A 5 3.85 8.67 31.16
N LYS A 6 3.62 7.49 31.72
CA LYS A 6 4.35 6.30 31.31
C LYS A 6 4.17 6.11 29.81
N HIS A 7 5.24 5.78 29.10
CA HIS A 7 5.18 5.63 27.65
C HIS A 7 4.90 4.19 27.27
N MET A 8 4.23 3.99 26.14
CA MET A 8 4.09 2.65 25.57
C MET A 8 5.20 2.42 24.54
N ARG A 9 5.65 1.18 24.43
CA ARG A 9 6.70 0.79 23.49
C ARG A 9 6.02 0.32 22.23
N ILE A 10 6.32 0.98 21.12
CA ILE A 10 5.70 0.60 19.87
C ILE A 10 6.77 0.10 18.90
N ARG A 11 6.57 -1.09 18.34
CA ARG A 11 7.50 -1.61 17.33
CA ARG A 11 7.50 -1.61 17.33
C ARG A 11 7.03 -1.16 15.95
N VAL A 12 7.94 -0.53 15.20
CA VAL A 12 7.59 -0.11 13.85
C VAL A 12 8.41 -0.90 12.85
N LYS A 13 7.73 -1.72 12.06
CA LYS A 13 8.39 -2.51 11.03
C LYS A 13 8.54 -1.64 9.80
N LEU A 14 9.79 -1.42 9.38
CA LEU A 14 10.09 -0.52 8.28
C LEU A 14 10.03 -1.27 6.96
N LEU A 15 10.16 -0.57 5.84
CA LEU A 15 9.96 -1.18 4.53
C LEU A 15 11.09 -2.14 4.13
N ASP A 16 12.25 -1.97 4.75
CA ASP A 16 13.36 -2.92 4.55
C ASP A 16 13.30 -4.11 5.54
N SER A 17 12.22 -4.17 6.32
CA SER A 17 11.96 -5.27 7.25
C SER A 17 12.69 -5.14 8.59
N THR A 18 13.54 -4.13 8.72
CA THR A 18 14.11 -3.82 10.02
C THR A 18 13.03 -3.28 10.96
N VAL A 19 13.27 -3.38 12.25
CA VAL A 19 12.30 -2.92 13.25
C VAL A 19 12.94 -1.84 14.12
N GLU A 20 12.22 -0.74 14.30
CA GLU A 20 12.66 0.33 15.18
C GLU A 20 11.64 0.50 16.30
N LEU A 21 12.13 0.78 17.51
CA LEU A 21 11.28 0.91 18.68
C LEU A 21 11.05 2.37 19.03
N PHE A 22 9.79 2.73 19.27
CA PHE A 22 9.43 4.11 19.60
C PHE A 22 8.63 4.13 20.89
N ASP A 23 9.08 4.94 21.85
CA ASP A 23 8.37 5.07 23.11
C ASP A 23 7.52 6.34 23.08
N ILE A 24 6.24 6.21 23.35
CA ILE A 24 5.34 7.35 23.23
C ILE A 24 4.25 7.29 24.28
N GLU A 25 3.77 8.46 24.70
CA GLU A 25 2.64 8.52 25.62
C GLU A 25 1.38 8.09 24.89
N PRO A 26 0.68 7.10 25.44
CA PRO A 26 -0.49 6.52 24.78
C PRO A 26 -1.52 7.58 24.38
N LYS A 27 -1.60 8.68 25.13
CA LYS A 27 -2.61 9.70 24.87
C LYS A 27 -2.27 10.61 23.69
N CYS A 28 -1.02 10.57 23.24
CA CYS A 28 -0.59 11.38 22.11
C CYS A 28 -1.36 11.02 20.83
N ASP A 29 -1.64 12.03 20.01
CA ASP A 29 -2.24 11.82 18.70
C ASP A 29 -1.29 11.03 17.83
N GLY A 30 -1.81 10.30 16.86
CA GLY A 30 -0.97 9.53 15.94
C GLY A 30 0.15 10.32 15.29
N GLN A 31 -0.08 11.60 15.01
CA GLN A 31 0.93 12.43 14.37
C GLN A 31 2.26 12.43 15.11
N VAL A 32 2.23 12.39 16.43
CA VAL A 32 3.46 12.35 17.22
C VAL A 32 4.36 11.18 16.83
N LEU A 33 3.77 10.00 16.65
CA LEU A 33 4.50 8.82 16.26
C LEU A 33 4.93 8.92 14.80
N LEU A 34 4.01 9.37 13.95
CA LEU A 34 4.29 9.53 12.53
C LEU A 34 5.53 10.42 12.35
N THR A 35 5.54 11.57 13.01
CA THR A 35 6.67 12.49 12.93
C THR A 35 8.00 11.92 13.48
N GLN A 36 7.94 11.15 14.57
CA GLN A 36 9.15 10.50 15.05
C GLN A 36 9.68 9.54 13.99
N VAL A 37 8.78 8.85 13.30
CA VAL A 37 9.20 7.92 12.26
C VAL A 37 9.79 8.66 11.07
N TRP A 38 9.14 9.74 10.65
CA TRP A 38 9.65 10.52 9.52
C TRP A 38 11.04 11.08 9.84
N LYS A 39 11.27 11.41 11.10
CA LYS A 39 12.58 11.93 11.53
C LYS A 39 13.63 10.84 11.55
N HIS A 40 13.29 9.70 12.13
CA HIS A 40 14.20 8.57 12.15
C HIS A 40 14.66 8.25 10.73
N LEU A 41 13.75 8.40 9.76
CA LEU A 41 14.04 8.05 8.37
C LEU A 41 14.58 9.20 7.54
N ASN A 42 14.42 10.42 8.05
CA ASN A 42 14.69 11.60 7.26
C ASN A 42 13.89 11.53 5.96
N LEU A 43 12.60 11.28 6.11
CA LEU A 43 11.68 11.15 4.98
C LEU A 43 11.00 12.48 4.66
N ILE A 44 11.50 13.16 3.63
CA ILE A 44 10.95 14.45 3.23
C ILE A 44 9.56 14.34 2.63
N GLU A 45 9.38 13.43 1.68
CA GLU A 45 8.10 13.26 1.01
C GLU A 45 7.24 12.30 1.82
N CYS A 46 7.08 12.62 3.10
CA CYS A 46 6.36 11.76 4.02
C CYS A 46 4.86 11.77 3.79
N ASP A 47 4.33 12.74 3.05
CA ASP A 47 2.88 12.81 2.85
C ASP A 47 2.30 11.64 2.04
N TYR A 48 3.19 10.89 1.38
CA TYR A 48 2.75 9.71 0.65
C TYR A 48 2.59 8.48 1.53
N PHE A 49 3.02 8.58 2.78
CA PHE A 49 3.19 7.41 3.62
C PHE A 49 2.28 7.40 4.85
N GLY A 50 2.18 6.22 5.45
CA GLY A 50 1.45 6.06 6.69
C GLY A 50 2.00 4.89 7.49
N LEU A 51 1.38 4.64 8.64
CA LEU A 51 1.68 3.46 9.44
C LEU A 51 0.40 2.67 9.55
N GLU A 52 0.50 1.36 9.39
CA GLU A 52 -0.69 0.53 9.41
C GLU A 52 -0.50 -0.62 10.40
N PHE A 53 -1.62 -1.12 10.92
CA PHE A 53 -1.58 -2.26 11.80
C PHE A 53 -2.70 -3.23 11.43
N LYS A 54 -2.52 -4.50 11.80
CA LYS A 54 -3.48 -5.52 11.43
C LYS A 54 -4.44 -5.73 12.59
N ASN A 55 -5.73 -5.66 12.33
CA ASN A 55 -6.72 -5.83 13.38
C ASN A 55 -7.04 -7.30 13.63
N VAL A 56 -7.88 -7.57 14.62
CA VAL A 56 -8.26 -8.94 14.94
C VAL A 56 -8.92 -9.61 13.74
N GLN A 57 -9.68 -8.82 12.97
CA GLN A 57 -10.31 -9.33 11.76
C GLN A 57 -9.28 -9.55 10.66
N SER A 58 -8.03 -9.29 10.98
CA SER A 58 -6.90 -9.63 10.11
C SER A 58 -6.72 -8.68 8.92
N TYR A 59 -7.49 -7.60 8.86
CA TYR A 59 -7.27 -6.62 7.79
C TYR A 59 -6.46 -5.41 8.25
N TRP A 60 -5.77 -4.76 7.32
CA TRP A 60 -4.90 -3.64 7.65
C TRP A 60 -5.67 -2.34 7.82
N ILE A 61 -5.33 -1.59 8.85
CA ILE A 61 -5.94 -0.29 9.05
C ILE A 61 -4.88 0.80 9.29
N TRP A 62 -5.13 2.00 8.81
CA TRP A 62 -4.20 3.11 8.94
C TRP A 62 -4.27 3.82 10.29
N LEU A 63 -3.10 4.15 10.82
CA LEU A 63 -3.05 5.02 12.00
C LEU A 63 -3.56 6.41 11.65
N GLU A 64 -4.51 6.92 12.44
CA GLU A 64 -5.05 8.26 12.21
C GLU A 64 -4.23 9.31 12.95
N PRO A 65 -3.84 10.40 12.26
CA PRO A 65 -2.92 11.36 12.86
C PRO A 65 -3.54 12.19 13.99
N MET A 66 -4.85 12.37 13.98
CA MET A 66 -5.53 13.28 14.91
C MET A 66 -6.37 12.56 15.96
N LYS A 67 -6.05 11.30 16.22
CA LYS A 67 -6.67 10.55 17.30
C LYS A 67 -5.57 9.97 18.19
N PRO A 68 -5.84 9.85 19.50
CA PRO A 68 -4.89 9.24 20.43
C PRO A 68 -4.50 7.84 19.98
N ILE A 69 -3.21 7.53 20.08
CA ILE A 69 -2.70 6.23 19.66
C ILE A 69 -3.30 5.05 20.42
N ILE A 70 -3.37 5.17 21.74
CA ILE A 70 -3.82 4.07 22.56
C ILE A 70 -5.27 3.66 22.22
N ARG A 71 -6.09 4.62 21.81
CA ARG A 71 -7.47 4.34 21.43
C ARG A 71 -7.59 3.61 20.09
N GLN A 72 -6.53 3.67 19.29
CA GLN A 72 -6.46 2.99 18.01
C GLN A 72 -5.81 1.60 18.11
N VAL A 73 -4.68 1.52 18.80
CA VAL A 73 -3.95 0.25 18.81
C VAL A 73 -4.37 -0.72 19.95
N ARG A 74 -4.58 -0.20 21.15
CA ARG A 74 -5.20 -0.95 22.24
C ARG A 74 -4.27 -1.90 23.01
N LYS A 75 -3.09 -2.13 22.47
CA LYS A 75 -2.16 -3.07 23.08
C LYS A 75 -1.01 -2.33 23.73
N PRO A 76 -1.16 -1.96 25.01
CA PRO A 76 -0.16 -1.15 25.72
C PRO A 76 1.21 -1.82 25.76
N LYS A 77 1.22 -3.15 25.81
CA LYS A 77 2.46 -3.88 26.01
C LYS A 77 3.24 -4.11 24.71
N ASN A 78 2.54 -4.34 23.61
CA ASN A 78 3.22 -4.61 22.35
C ASN A 78 2.44 -4.22 21.11
N ALA A 79 2.29 -2.92 20.93
CA ALA A 79 1.76 -2.39 19.70
C ALA A 79 2.80 -2.60 18.59
N VAL A 80 2.34 -3.09 17.45
CA VAL A 80 3.20 -3.22 16.27
CA VAL A 80 3.21 -3.22 16.27
C VAL A 80 2.53 -2.55 15.09
N LEU A 81 3.27 -1.73 14.36
CA LEU A 81 2.75 -1.06 13.18
C LEU A 81 3.80 -1.21 12.11
N ARG A 82 3.42 -1.02 10.85
CA ARG A 82 4.42 -1.05 9.79
C ARG A 82 4.30 0.15 8.86
N LEU A 83 5.45 0.58 8.35
CA LEU A 83 5.51 1.65 7.37
C LEU A 83 4.96 1.16 6.05
N ALA A 84 4.17 2.00 5.38
CA ALA A 84 3.63 1.65 4.07
C ALA A 84 3.34 2.89 3.28
N VAL A 85 3.39 2.76 1.95
CA VAL A 85 2.86 3.81 1.08
C VAL A 85 1.33 3.85 1.19
N LYS A 86 0.79 5.03 1.47
CA LYS A 86 -0.66 5.21 1.50
C LYS A 86 -1.19 5.66 0.15
N PHE A 87 -0.51 6.61 -0.47
CA PHE A 87 -0.98 7.19 -1.72
C PHE A 87 -0.03 6.83 -2.87
N PHE A 88 -0.54 6.10 -3.85
CA PHE A 88 0.24 5.70 -5.02
C PHE A 88 -0.01 6.65 -6.19
N PRO A 89 0.97 7.51 -6.53
CA PRO A 89 0.75 8.41 -7.66
C PRO A 89 1.00 7.68 -8.98
N PRO A 90 0.48 8.22 -10.09
CA PRO A 90 0.64 7.56 -11.39
C PRO A 90 2.09 7.47 -11.86
N ASP A 91 2.96 8.41 -11.48
CA ASP A 91 4.34 8.44 -11.97
C ASP A 91 5.31 8.56 -10.80
N PRO A 92 5.53 7.46 -10.07
CA PRO A 92 6.38 7.55 -8.88
C PRO A 92 7.85 7.82 -9.23
N GLY A 93 8.24 7.57 -10.48
CA GLY A 93 9.58 7.91 -10.92
C GLY A 93 9.82 9.42 -10.81
N GLN A 94 8.73 10.18 -10.83
CA GLN A 94 8.82 11.63 -10.69
C GLN A 94 8.79 12.16 -9.24
N LEU A 95 8.79 11.26 -8.26
CA LEU A 95 9.01 11.68 -6.88
C LEU A 95 10.34 12.43 -6.78
N GLN A 96 10.41 13.41 -5.89
CA GLN A 96 11.56 14.33 -5.87
C GLN A 96 12.88 13.77 -5.37
N GLU A 97 12.81 12.77 -4.48
CA GLU A 97 14.03 12.23 -3.86
C GLU A 97 14.28 10.79 -4.23
N GLU A 98 15.55 10.47 -4.46
CA GLU A 98 15.98 9.09 -4.67
C GLU A 98 15.51 8.22 -3.49
N TYR A 99 15.57 8.77 -2.28
CA TYR A 99 15.19 7.97 -1.11
C TYR A 99 13.71 7.56 -1.17
N THR A 100 12.86 8.46 -1.62
CA THR A 100 11.43 8.16 -1.71
C THR A 100 11.23 7.07 -2.76
N ARG A 101 11.96 7.18 -3.89
CA ARG A 101 11.80 6.18 -4.92
C ARG A 101 12.27 4.81 -4.44
N TYR A 102 13.33 4.82 -3.63
CA TYR A 102 13.83 3.62 -2.96
C TYR A 102 12.73 3.00 -2.08
N LEU A 103 12.08 3.80 -1.25
CA LEU A 103 11.00 3.28 -0.42
C LEU A 103 9.84 2.74 -1.26
N PHE A 104 9.51 3.41 -2.36
CA PHE A 104 8.45 2.89 -3.23
C PHE A 104 8.82 1.54 -3.85
N ALA A 105 10.07 1.38 -4.26
CA ALA A 105 10.50 0.09 -4.80
C ALA A 105 10.36 -1.02 -3.73
N LEU A 106 10.69 -0.68 -2.48
CA LEU A 106 10.56 -1.64 -1.38
C LEU A 106 9.08 -1.98 -1.13
N GLN A 107 8.21 -0.97 -1.29
CA GLN A 107 6.79 -1.21 -1.10
C GLN A 107 6.27 -2.17 -2.17
N LEU A 108 6.69 -1.93 -3.40
CA LEU A 108 6.25 -2.78 -4.51
C LEU A 108 6.79 -4.19 -4.36
N LYS A 109 8.04 -4.30 -3.86
CA LYS A 109 8.61 -5.60 -3.51
C LYS A 109 7.70 -6.31 -2.51
N ARG A 110 7.27 -5.59 -1.48
CA ARG A 110 6.38 -6.20 -0.48
C ARG A 110 5.05 -6.62 -1.10
N ASP A 111 4.47 -5.77 -1.96
CA ASP A 111 3.19 -6.07 -2.57
C ASP A 111 3.28 -7.28 -3.49
N LEU A 112 4.44 -7.46 -4.12
CA LEU A 112 4.65 -8.64 -4.95
C LEU A 112 4.71 -9.90 -4.06
N LEU A 113 5.49 -9.83 -2.98
CA LEU A 113 5.65 -10.95 -2.06
C LEU A 113 4.33 -11.36 -1.42
N GLU A 114 3.54 -10.35 -1.05
CA GLU A 114 2.25 -10.56 -0.40
C GLU A 114 1.12 -10.88 -1.38
N GLU A 115 1.45 -10.99 -2.66
CA GLU A 115 0.50 -11.36 -3.70
C GLU A 115 -0.62 -10.34 -3.89
N ARG A 116 -0.31 -9.07 -3.61
CA ARG A 116 -1.20 -7.96 -3.91
C ARG A 116 -0.97 -7.43 -5.32
N LEU A 117 0.30 -7.30 -5.67
CA LEU A 117 0.70 -6.85 -6.98
C LEU A 117 0.82 -8.06 -7.86
N THR A 118 -0.16 -8.29 -8.74
CA THR A 118 -0.08 -9.44 -9.62
C THR A 118 0.25 -9.00 -11.04
N CYS A 119 0.81 -9.91 -11.82
CA CYS A 119 1.26 -9.61 -13.17
C CYS A 119 1.69 -10.92 -13.80
N THR A 120 2.07 -10.87 -15.07
CA THR A 120 2.47 -12.08 -15.77
C THR A 120 3.75 -12.64 -15.16
N ALA A 121 4.02 -13.91 -15.41
CA ALA A 121 5.19 -14.58 -14.86
C ALA A 121 6.49 -13.89 -15.28
N ASN A 122 6.62 -13.57 -16.56
CA ASN A 122 7.83 -12.89 -17.01
C ASN A 122 7.99 -11.55 -16.35
N THR A 123 6.90 -10.81 -16.22
CA THR A 123 6.97 -9.49 -15.63
C THR A 123 7.38 -9.52 -14.15
N ALA A 124 6.86 -10.52 -13.42
CA ALA A 124 7.24 -10.70 -12.03
C ALA A 124 8.73 -10.97 -11.94
N ALA A 125 9.21 -11.87 -12.79
CA ALA A 125 10.61 -12.24 -12.85
C ALA A 125 11.49 -11.04 -13.18
N LEU A 126 11.02 -10.22 -14.12
CA LEU A 126 11.74 -9.01 -14.47
C LEU A 126 11.82 -8.02 -13.31
N LEU A 127 10.69 -7.80 -12.63
CA LEU A 127 10.70 -6.95 -11.43
C LEU A 127 11.72 -7.45 -10.41
N ILE A 128 11.67 -8.74 -10.09
CA ILE A 128 12.60 -9.29 -9.11
C ILE A 128 14.03 -9.13 -9.58
N SER A 129 14.28 -9.29 -10.87
CA SER A 129 15.66 -9.15 -11.37
C SER A 129 16.24 -7.75 -11.13
N HIS A 130 15.38 -6.74 -11.24
CA HIS A 130 15.81 -5.37 -10.94
C HIS A 130 15.98 -5.16 -9.44
N LEU A 131 15.13 -5.78 -8.64
CA LEU A 131 15.28 -5.72 -7.20
C LEU A 131 16.61 -6.36 -6.78
N LEU A 132 16.97 -7.47 -7.40
CA LEU A 132 18.29 -8.08 -7.16
C LEU A 132 19.41 -7.13 -7.55
N GLN A 133 19.30 -6.49 -8.71
CA GLN A 133 20.37 -5.57 -9.13
C GLN A 133 20.57 -4.46 -8.10
N SER A 134 19.46 -3.93 -7.56
CA SER A 134 19.58 -2.86 -6.56
C SER A 134 20.22 -3.34 -5.27
N GLU A 135 19.92 -4.57 -4.86
CA GLU A 135 20.31 -5.00 -3.52
C GLU A 135 21.66 -5.69 -3.48
N ILE A 136 21.89 -6.60 -4.43
CA ILE A 136 23.15 -7.36 -4.43
C ILE A 136 24.06 -7.05 -5.62
N GLY A 137 23.60 -6.21 -6.54
CA GLY A 137 24.43 -5.80 -7.66
C GLY A 137 24.49 -6.77 -8.83
N ASP A 138 25.58 -6.71 -9.60
CA ASP A 138 25.69 -7.49 -10.83
C ASP A 138 25.49 -8.97 -10.60
N TYR A 139 24.84 -9.59 -11.58
CA TYR A 139 24.60 -11.01 -11.61
C TYR A 139 25.85 -11.85 -11.35
N ASP A 140 25.66 -12.87 -10.51
CA ASP A 140 26.58 -13.99 -10.44
C ASP A 140 25.71 -15.18 -10.03
N GLU A 141 25.88 -16.31 -10.71
CA GLU A 141 24.93 -17.39 -10.49
C GLU A 141 24.86 -17.81 -9.03
N THR A 142 26.02 -18.01 -8.42
CA THR A 142 26.08 -18.45 -7.04
C THR A 142 25.51 -17.40 -6.07
N LEU A 143 25.90 -16.15 -6.26
CA LEU A 143 25.45 -15.06 -5.41
CA LEU A 143 25.45 -15.06 -5.41
C LEU A 143 23.93 -14.93 -5.46
N ASP A 144 23.39 -14.99 -6.67
CA ASP A 144 21.93 -14.90 -6.87
C ASP A 144 21.19 -16.05 -6.20
N ARG A 145 21.65 -17.28 -6.43
CA ARG A 145 20.99 -18.46 -5.88
C ARG A 145 21.04 -18.47 -4.35
N GLU A 146 22.17 -18.13 -3.76
CA GLU A 146 22.25 -18.07 -2.32
C GLU A 146 21.33 -16.97 -1.76
N HIS A 147 21.30 -15.83 -2.43
CA HIS A 147 20.45 -14.74 -1.95
C HIS A 147 18.98 -15.12 -2.02
N LEU A 148 18.59 -15.76 -3.11
CA LEU A 148 17.19 -16.17 -3.32
C LEU A 148 16.79 -17.31 -2.40
N LYS A 149 17.75 -18.04 -1.85
CA LYS A 149 17.42 -19.05 -0.85
C LYS A 149 17.08 -18.44 0.49
N ALA A 150 17.75 -17.33 0.83
CA ALA A 150 17.59 -16.71 2.13
C ALA A 150 16.64 -15.52 2.13
N ASN A 151 16.20 -15.09 0.94
CA ASN A 151 15.33 -13.92 0.83
C ASN A 151 14.14 -14.20 -0.09
N GLU A 152 12.93 -14.04 0.44
CA GLU A 152 11.74 -14.32 -0.35
C GLU A 152 11.23 -13.09 -1.10
N TYR A 153 10.95 -13.28 -2.38
CA TYR A 153 10.36 -12.25 -3.24
C TYR A 153 8.95 -12.63 -3.69
N LEU A 154 8.68 -13.93 -3.76
CA LEU A 154 7.39 -14.43 -4.24
C LEU A 154 7.19 -15.83 -3.70
N PRO A 155 5.96 -16.18 -3.31
CA PRO A 155 5.77 -17.58 -2.93
C PRO A 155 6.06 -18.50 -4.11
N ASN A 156 6.72 -19.61 -3.86
CA ASN A 156 7.11 -20.51 -4.94
C ASN A 156 7.96 -19.78 -5.99
N GLN A 157 8.84 -18.91 -5.52
CA GLN A 157 9.73 -18.19 -6.42
C GLN A 157 10.65 -19.14 -7.21
N GLU A 158 10.88 -20.32 -6.65
CA GLU A 158 11.76 -21.29 -7.30
C GLU A 158 11.29 -21.63 -8.71
N LYS A 159 9.98 -21.50 -8.94
CA LYS A 159 9.41 -21.79 -10.25
C LYS A 159 9.99 -20.85 -11.30
N SER A 160 10.31 -19.64 -10.87
CA SER A 160 10.75 -18.59 -11.78
C SER A 160 12.23 -18.31 -11.70
N LEU A 161 12.97 -19.15 -10.97
CA LEU A 161 14.39 -18.90 -10.78
C LEU A 161 15.15 -18.68 -12.10
N GLU A 162 14.95 -19.56 -13.08
CA GLU A 162 15.66 -19.43 -14.34
C GLU A 162 15.38 -18.09 -15.03
N LYS A 163 14.10 -17.70 -15.07
CA LYS A 163 13.76 -16.42 -15.70
C LYS A 163 14.40 -15.26 -14.95
N ILE A 164 14.38 -15.33 -13.62
CA ILE A 164 14.93 -14.25 -12.79
C ILE A 164 16.43 -14.04 -13.08
N LEU A 165 17.18 -15.15 -13.10
CA LEU A 165 18.61 -15.14 -13.38
C LEU A 165 18.90 -14.63 -14.77
N ASP A 166 18.12 -15.11 -15.74
CA ASP A 166 18.23 -14.70 -17.13
C ASP A 166 18.08 -13.17 -17.30
N PHE A 167 17.07 -12.60 -16.69
CA PHE A 167 16.85 -11.15 -16.77
C PHE A 167 17.95 -10.39 -16.02
N HIS A 168 18.34 -10.88 -14.85
CA HIS A 168 19.34 -10.18 -14.04
C HIS A 168 20.66 -10.03 -14.82
N GLN A 169 21.01 -11.02 -15.62
CA GLN A 169 22.24 -10.95 -16.41
C GLN A 169 22.24 -9.75 -17.36
N ARG A 170 21.07 -9.23 -17.68
CA ARG A 170 20.95 -8.11 -18.60
C ARG A 170 21.23 -6.76 -17.95
N HIS A 171 21.32 -6.72 -16.62
CA HIS A 171 21.36 -5.44 -15.91
C HIS A 171 22.75 -5.04 -15.47
N THR A 172 23.76 -5.65 -16.08
CA THR A 172 25.16 -5.38 -15.79
C THR A 172 25.45 -3.89 -15.60
N GLY A 173 26.07 -3.56 -14.47
CA GLY A 173 26.48 -2.20 -14.20
C GLY A 173 25.44 -1.19 -13.74
N GLN A 174 24.18 -1.58 -13.69
CA GLN A 174 23.13 -0.64 -13.26
C GLN A 174 23.18 -0.33 -11.76
N THR A 175 22.97 0.93 -11.42
CA THR A 175 23.07 1.38 -10.05
C THR A 175 21.79 1.04 -9.29
N PRO A 176 21.81 1.15 -7.96
CA PRO A 176 20.57 0.93 -7.22
C PRO A 176 19.49 1.94 -7.63
N ALA A 177 19.83 3.20 -7.85
CA ALA A 177 18.81 4.19 -8.25
C ALA A 177 18.21 3.85 -9.61
N GLU A 178 19.04 3.40 -10.53
CA GLU A 178 18.55 3.03 -11.86
C GLU A 178 17.62 1.84 -11.76
N SER A 179 18.00 0.89 -10.89
CA SER A 179 17.23 -0.33 -10.69
C SER A 179 15.88 -0.02 -10.06
N ASP A 180 15.86 0.86 -9.05
CA ASP A 180 14.60 1.27 -8.44
C ASP A 180 13.72 1.93 -9.50
N PHE A 181 14.33 2.77 -10.33
CA PHE A 181 13.53 3.48 -11.33
C PHE A 181 12.86 2.49 -12.28
N GLN A 182 13.58 1.44 -12.65
CA GLN A 182 13.00 0.43 -13.53
C GLN A 182 11.86 -0.31 -12.83
N VAL A 183 12.01 -0.60 -11.55
CA VAL A 183 10.93 -1.25 -10.81
C VAL A 183 9.66 -0.39 -10.86
N LEU A 184 9.83 0.91 -10.63
CA LEU A 184 8.71 1.85 -10.63
C LEU A 184 8.08 1.94 -12.02
N GLU A 185 8.92 1.95 -13.05
CA GLU A 185 8.46 2.06 -14.43
C GLU A 185 7.63 0.87 -14.86
N ILE A 186 8.09 -0.32 -14.49
CA ILE A 186 7.37 -1.55 -14.77
C ILE A 186 6.07 -1.59 -13.96
N ALA A 187 6.18 -1.38 -12.67
CA ALA A 187 5.02 -1.51 -11.77
C ALA A 187 3.89 -0.54 -12.07
N ARG A 188 4.23 0.70 -12.42
CA ARG A 188 3.20 1.74 -12.51
C ARG A 188 2.23 1.50 -13.65
N LYS A 189 2.59 0.62 -14.58
CA LYS A 189 1.68 0.29 -15.69
C LYS A 189 0.80 -0.92 -15.41
N LEU A 190 1.02 -1.57 -14.27
CA LEU A 190 0.25 -2.76 -13.90
C LEU A 190 -1.11 -2.35 -13.38
N GLU A 191 -2.13 -3.10 -13.79
CA GLU A 191 -3.49 -2.81 -13.36
C GLU A 191 -3.60 -2.86 -11.84
N MET A 192 -2.78 -3.71 -11.22
CA MET A 192 -2.86 -3.86 -9.76
C MET A 192 -1.93 -2.92 -8.96
N TYR A 193 -1.24 -2.02 -9.67
CA TYR A 193 -0.38 -1.03 -9.01
C TYR A 193 -1.16 -0.23 -7.98
N GLY A 194 -0.72 -0.29 -6.72
CA GLY A 194 -1.35 0.43 -5.62
C GLY A 194 -2.71 -0.09 -5.19
N ILE A 195 -3.14 -1.22 -5.72
CA ILE A 195 -4.53 -1.68 -5.48
C ILE A 195 -4.64 -2.51 -4.21
N ARG A 196 -5.65 -2.21 -3.39
CA ARG A 196 -6.04 -3.03 -2.24
C ARG A 196 -7.54 -3.23 -2.34
N PHE A 197 -7.97 -4.49 -2.33
CA PHE A 197 -9.39 -4.83 -2.47
C PHE A 197 -10.13 -4.72 -1.15
N HIS A 198 -11.38 -4.27 -1.25
CA HIS A 198 -12.32 -4.26 -0.15
C HIS A 198 -13.56 -4.98 -0.65
N MET A 199 -13.87 -6.13 -0.07
CA MET A 199 -14.94 -6.97 -0.58
C MET A 199 -16.32 -6.33 -0.37
N ALA A 200 -17.17 -6.44 -1.38
CA ALA A 200 -18.49 -5.84 -1.29
C ALA A 200 -19.47 -6.54 -2.21
N SER A 201 -20.73 -6.13 -2.17
CA SER A 201 -21.71 -6.62 -3.14
C SER A 201 -22.47 -5.42 -3.71
N ASP A 202 -22.87 -5.51 -4.98
CA ASP A 202 -23.63 -4.43 -5.61
C ASP A 202 -25.13 -4.61 -5.48
N ARG A 203 -25.89 -3.73 -6.12
CA ARG A 203 -27.35 -3.75 -6.05
C ARG A 203 -27.95 -5.13 -6.37
N GLU A 204 -27.38 -5.81 -7.37
CA GLU A 204 -27.89 -7.11 -7.80
C GLU A 204 -27.34 -8.26 -6.96
N GLY A 205 -26.54 -7.93 -5.96
CA GLY A 205 -26.00 -8.94 -5.05
C GLY A 205 -24.73 -9.61 -5.55
N THR A 206 -24.19 -9.11 -6.66
CA THR A 206 -22.96 -9.66 -7.21
C THR A 206 -21.78 -9.31 -6.31
N LYS A 207 -20.96 -10.31 -6.00
CA LYS A 207 -19.77 -10.07 -5.20
C LYS A 207 -18.69 -9.37 -6.04
N ILE A 208 -18.23 -8.21 -5.56
CA ILE A 208 -17.20 -7.44 -6.26
C ILE A 208 -16.11 -6.99 -5.30
N ASN A 209 -15.04 -6.45 -5.85
CA ASN A 209 -13.96 -5.88 -5.05
C ASN A 209 -13.89 -4.39 -5.32
N LEU A 210 -14.03 -3.61 -4.26
CA LEU A 210 -13.87 -2.15 -4.36
C LEU A 210 -12.41 -1.76 -4.15
N ALA A 211 -12.00 -0.72 -4.84
CA ALA A 211 -10.66 -0.16 -4.64
C ALA A 211 -10.68 1.31 -4.93
N VAL A 212 -9.58 1.99 -4.62
CA VAL A 212 -9.49 3.41 -4.93
C VAL A 212 -8.08 3.73 -5.44
N SER A 213 -8.00 4.68 -6.37
CA SER A 213 -6.71 5.03 -6.97
C SER A 213 -6.68 6.54 -7.24
N HIS A 214 -5.56 7.03 -7.76
CA HIS A 214 -5.44 8.43 -8.11
C HIS A 214 -6.51 8.83 -9.14
N MET A 215 -7.06 7.85 -9.84
CA MET A 215 -8.07 8.15 -10.87
C MET A 215 -9.49 8.23 -10.35
N GLY A 216 -9.79 7.49 -9.30
CA GLY A 216 -11.15 7.45 -8.77
C GLY A 216 -11.45 6.16 -8.02
N VAL A 217 -12.74 5.91 -7.84
CA VAL A 217 -13.18 4.70 -7.16
C VAL A 217 -13.37 3.60 -8.19
N LEU A 218 -12.88 2.42 -7.85
CA LEU A 218 -12.78 1.33 -8.80
C LEU A 218 -13.60 0.13 -8.39
N VAL A 219 -14.14 -0.57 -9.38
CA VAL A 219 -14.86 -1.82 -9.12
C VAL A 219 -14.23 -2.96 -9.92
N PHE A 220 -13.87 -4.03 -9.21
CA PHE A 220 -13.36 -5.24 -9.84
C PHE A 220 -14.35 -6.36 -9.58
N GLN A 221 -14.55 -7.23 -10.57
CA GLN A 221 -15.27 -8.47 -10.33
C GLN A 221 -14.20 -9.53 -10.34
N GLY A 222 -14.05 -10.23 -9.21
CA GLY A 222 -12.87 -11.06 -9.04
C GLY A 222 -11.63 -10.19 -9.23
N THR A 223 -10.84 -10.52 -10.24
CA THR A 223 -9.60 -9.81 -10.52
C THR A 223 -9.76 -8.89 -11.74
N THR A 224 -10.96 -8.87 -12.29
CA THR A 224 -11.23 -8.10 -13.50
C THR A 224 -11.84 -6.75 -13.17
N LYS A 225 -11.23 -5.67 -13.67
CA LYS A 225 -11.76 -4.33 -13.45
C LYS A 225 -12.97 -4.12 -14.34
N ILE A 226 -14.07 -3.69 -13.73
CA ILE A 226 -15.31 -3.55 -14.46
C ILE A 226 -15.88 -2.13 -14.45
N ASN A 227 -15.37 -1.27 -13.57
CA ASN A 227 -15.77 0.15 -13.55
C ASN A 227 -14.70 1.07 -12.98
N THR A 228 -14.62 2.27 -13.54
CA THR A 228 -13.81 3.32 -12.96
C THR A 228 -14.71 4.54 -12.79
N PHE A 229 -14.95 4.94 -11.56
CA PHE A 229 -15.72 6.15 -11.29
C PHE A 229 -14.71 7.27 -11.09
N ASN A 230 -14.36 7.92 -12.19
CA ASN A 230 -13.37 8.98 -12.17
C ASN A 230 -13.75 10.10 -11.23
N TRP A 231 -12.75 10.70 -10.57
CA TRP A 231 -13.03 11.75 -9.61
C TRP A 231 -13.87 12.90 -10.17
N SER A 232 -13.68 13.19 -11.45
CA SER A 232 -14.40 14.29 -12.08
C SER A 232 -15.92 14.04 -12.08
N LYS A 233 -16.32 12.78 -11.97
CA LYS A 233 -17.74 12.42 -12.03
C LYS A 233 -18.33 12.18 -10.65
N VAL A 234 -17.49 12.19 -9.63
CA VAL A 234 -17.92 11.89 -8.28
C VAL A 234 -18.28 13.19 -7.56
N ARG A 235 -19.56 13.30 -7.16
CA ARG A 235 -20.04 14.49 -6.48
C ARG A 235 -19.91 14.38 -4.97
N LYS A 236 -20.12 13.17 -4.44
CA LYS A 236 -20.02 12.96 -2.99
C LYS A 236 -19.81 11.50 -2.66
N LEU A 237 -19.05 11.25 -1.60
CA LEU A 237 -18.92 9.90 -1.04
C LEU A 237 -19.49 9.92 0.37
N SER A 238 -20.31 8.92 0.67
CA SER A 238 -20.94 8.79 1.98
C SER A 238 -20.95 7.34 2.42
N PHE A 239 -21.22 7.10 3.70
CA PHE A 239 -21.46 5.73 4.14
C PHE A 239 -22.53 5.74 5.22
N LYS A 240 -23.32 4.66 5.25
CA LYS A 240 -24.28 4.45 6.33
C LYS A 240 -24.25 2.99 6.73
N ARG A 241 -23.78 2.73 7.94
CA ARG A 241 -23.66 1.36 8.44
C ARG A 241 -22.79 0.57 7.46
N LYS A 242 -23.32 -0.50 6.87
CA LYS A 242 -22.54 -1.32 5.93
C LYS A 242 -22.56 -0.82 4.49
N ARG A 243 -23.32 0.25 4.23
CA ARG A 243 -23.56 0.75 2.87
C ARG A 243 -22.59 1.85 2.49
N PHE A 244 -21.90 1.67 1.36
CA PHE A 244 -21.04 2.70 0.78
C PHE A 244 -21.77 3.38 -0.38
N LEU A 245 -21.86 4.71 -0.35
CA LEU A 245 -22.67 5.46 -1.31
C LEU A 245 -21.82 6.39 -2.18
N ILE A 246 -21.91 6.24 -3.49
CA ILE A 246 -21.20 7.14 -4.39
C ILE A 246 -22.22 7.97 -5.15
N LYS A 247 -22.20 9.29 -4.96
CA LYS A 247 -23.07 10.17 -5.77
C LYS A 247 -22.29 10.57 -7.01
N LEU A 248 -22.90 10.33 -8.18
CA LEU A 248 -22.23 10.30 -9.48
C LEU A 248 -23.08 10.96 -10.55
N HIS A 249 -22.62 10.97 -11.80
CA HIS A 249 -23.49 11.39 -12.91
C HIS A 249 -24.70 10.45 -12.98
N PRO A 250 -25.90 11.01 -13.17
CA PRO A 250 -27.13 10.20 -13.19
C PRO A 250 -27.26 9.29 -14.42
N GLU A 251 -27.99 8.20 -14.26
CA GLU A 251 -28.23 7.29 -15.38
C GLU A 251 -29.12 8.00 -16.41
N VAL A 252 -28.89 7.72 -17.69
CA VAL A 252 -29.68 8.34 -18.76
C VAL A 252 -31.07 7.72 -18.89
N HIS A 253 -31.11 6.41 -19.00
CA HIS A 253 -32.34 5.71 -19.34
C HIS A 253 -33.02 5.10 -18.11
N GLY A 254 -33.58 5.95 -17.26
CA GLY A 254 -34.28 5.47 -16.08
C GLY A 254 -34.70 6.65 -15.24
N PRO A 255 -35.62 6.42 -14.29
CA PRO A 255 -36.00 7.48 -13.35
C PRO A 255 -34.72 8.02 -12.72
N TYR A 256 -34.69 9.32 -12.44
CA TYR A 256 -33.43 9.94 -12.12
C TYR A 256 -32.79 9.27 -10.90
N GLN A 257 -31.56 8.80 -11.09
CA GLN A 257 -30.79 8.16 -10.03
C GLN A 257 -29.33 8.58 -10.11
N ASP A 258 -28.84 9.22 -9.06
CA ASP A 258 -27.49 9.77 -9.04
C ASP A 258 -26.56 9.04 -8.08
N THR A 259 -27.06 7.98 -7.45
CA THR A 259 -26.29 7.32 -6.39
C THR A 259 -26.18 5.80 -6.58
N LEU A 260 -24.95 5.30 -6.49
CA LEU A 260 -24.70 3.87 -6.51
C LEU A 260 -24.41 3.41 -5.10
N GLU A 261 -24.86 2.21 -4.77
CA GLU A 261 -24.70 1.66 -3.42
C GLU A 261 -23.99 0.32 -3.43
N PHE A 262 -23.03 0.16 -2.54
CA PHE A 262 -22.33 -1.12 -2.38
C PHE A 262 -22.39 -1.53 -0.92
N LEU A 263 -22.52 -2.83 -0.68
CA LEU A 263 -22.62 -3.32 0.69
C LEU A 263 -21.31 -3.98 1.08
N LEU A 264 -20.66 -3.46 2.12
CA LEU A 264 -19.42 -4.10 2.59
C LEU A 264 -19.74 -5.05 3.75
N GLY A 265 -18.71 -5.67 4.31
CA GLY A 265 -18.94 -6.76 5.25
C GLY A 265 -19.32 -6.34 6.65
N SER A 266 -19.03 -5.08 6.99
CA SER A 266 -19.33 -4.54 8.31
C SER A 266 -19.31 -3.04 8.26
N ARG A 267 -19.92 -2.41 9.27
CA ARG A 267 -19.88 -0.97 9.39
C ARG A 267 -18.44 -0.47 9.38
N ASP A 268 -17.57 -1.06 10.18
CA ASP A 268 -16.22 -0.54 10.25
C ASP A 268 -15.42 -0.75 8.96
N GLU A 269 -15.64 -1.85 8.25
CA GLU A 269 -14.99 -2.02 6.96
C GLU A 269 -15.48 -0.98 5.96
N CYS A 270 -16.78 -0.71 6.01
CA CYS A 270 -17.37 0.30 5.14
C CYS A 270 -16.75 1.67 5.46
N LYS A 271 -16.72 2.02 6.75
CA LYS A 271 -16.18 3.30 7.21
C LYS A 271 -14.72 3.46 6.77
N ASN A 272 -13.95 2.40 6.95
CA ASN A 272 -12.55 2.45 6.57
C ASN A 272 -12.35 2.65 5.08
N PHE A 273 -13.18 2.02 4.25
CA PHE A 273 -13.08 2.26 2.80
C PHE A 273 -13.50 3.67 2.45
N TRP A 274 -14.58 4.16 3.06
CA TRP A 274 -14.97 5.54 2.86
C TRP A 274 -13.82 6.48 3.20
N LYS A 275 -13.18 6.26 4.33
CA LYS A 275 -12.09 7.14 4.78
C LYS A 275 -10.96 7.20 3.76
N ILE A 276 -10.52 6.04 3.26
CA ILE A 276 -9.40 6.05 2.32
C ILE A 276 -9.80 6.69 0.99
N CYS A 277 -11.07 6.53 0.60
CA CYS A 277 -11.53 7.20 -0.63
C CYS A 277 -11.52 8.70 -0.47
N VAL A 278 -12.06 9.20 0.63
CA VAL A 278 -12.06 10.64 0.86
C VAL A 278 -10.62 11.16 0.91
N GLU A 279 -9.73 10.43 1.57
CA GLU A 279 -8.34 10.86 1.63
C GLU A 279 -7.65 10.89 0.25
N TYR A 280 -7.93 9.88 -0.58
CA TYR A 280 -7.42 9.84 -1.96
C TYR A 280 -7.91 11.03 -2.77
N HIS A 281 -9.20 11.30 -2.68
CA HIS A 281 -9.74 12.44 -3.40
C HIS A 281 -9.04 13.72 -2.99
N THR A 282 -8.90 13.96 -1.68
CA THR A 282 -8.25 15.16 -1.18
C THR A 282 -6.78 15.24 -1.64
N PHE A 283 -6.08 14.10 -1.62
CA PHE A 283 -4.68 14.08 -1.99
C PHE A 283 -4.44 14.39 -3.46
N PHE A 284 -5.27 13.81 -4.33
CA PHE A 284 -5.02 13.83 -5.77
C PHE A 284 -5.88 14.82 -6.54
N ARG A 285 -6.82 15.46 -5.85
CA ARG A 285 -7.73 16.40 -6.51
C ARG A 285 -7.78 17.75 -5.80
N LEU A 286 -7.98 18.80 -6.57
CA LEU A 286 -8.01 20.16 -6.04
C LEU A 286 -7.02 20.38 -4.91
#